data_3RVS
#
_entry.id   3RVS
#
_cell.length_a   53.560
_cell.length_b   53.620
_cell.length_c   162.820
_cell.angle_alpha   90.00
_cell.angle_beta   90.00
_cell.angle_gamma   90.00
#
_symmetry.space_group_name_H-M   'P 21 21 21'
#
loop_
_entity.id
_entity.type
_entity.pdbx_description
1 polymer 'Chemotaxis protein CheY'
2 non-polymer 'MANGANESE (II) ION'
3 non-polymer TUNGSTATE(VI)ION
4 non-polymer 'SULFATE ION'
5 non-polymer GLYCEROL
6 water water
#
_entity_poly.entity_id   1
_entity_poly.type   'polypeptide(L)'
_entity_poly.pdbx_seq_one_letter_code
;GSHMADKELKFLVVDDFSTMRRIVRNLLKELGFNNVEEAEDGVDALNKLQAGGYGFVISDWDMPNMDGLELLKTIRADGA
MSALPVLMVTARAKKENIIAAAQAGASGYVVKPFTAATLEEKLNKIFEKLGM
;
_entity_poly.pdbx_strand_id   A,B
#
loop_
_chem_comp.id
_chem_comp.type
_chem_comp.name
_chem_comp.formula
GOL non-polymer GLYCEROL 'C3 H8 O3'
MN non-polymer 'MANGANESE (II) ION' 'Mn 2'
SO4 non-polymer 'SULFATE ION' 'O4 S -2'
WO4 non-polymer TUNGSTATE(VI)ION 'O4 W -2'
#
# COMPACT_ATOMS: atom_id res chain seq x y z
N HIS A 3 9.29 6.10 -19.53
CA HIS A 3 10.07 4.88 -19.39
C HIS A 3 9.19 3.67 -19.81
N MET A 4 9.74 2.80 -20.66
CA MET A 4 8.99 1.67 -21.22
C MET A 4 9.76 0.36 -20.91
N ALA A 5 9.05 -0.78 -20.80
CA ALA A 5 9.70 -2.07 -20.52
C ALA A 5 10.38 -2.71 -21.74
N ASP A 6 11.37 -2.01 -22.29
CA ASP A 6 12.20 -2.56 -23.35
C ASP A 6 13.61 -2.82 -22.84
N LYS A 7 14.43 -3.38 -23.72
CA LYS A 7 15.77 -3.83 -23.36
C LYS A 7 16.65 -2.74 -22.74
N GLU A 8 16.29 -1.49 -22.97
CA GLU A 8 17.11 -0.36 -22.55
C GLU A 8 16.84 0.07 -21.12
N LEU A 9 15.68 -0.32 -20.61
CA LEU A 9 15.24 0.01 -19.25
C LEU A 9 16.36 -0.24 -18.24
N LYS A 10 16.71 0.79 -17.46
CA LYS A 10 17.80 0.65 -16.51
C LYS A 10 17.32 0.31 -15.11
N PHE A 11 17.85 -0.78 -14.57
CA PHE A 11 17.43 -1.29 -13.28
C PHE A 11 18.48 -0.99 -12.22
N LEU A 12 18.02 -0.78 -11.00
CA LEU A 12 18.92 -0.70 -9.85
C LEU A 12 18.55 -1.82 -8.87
N VAL A 13 19.52 -2.63 -8.50
CA VAL A 13 19.28 -3.80 -7.66
C VAL A 13 19.96 -3.58 -6.31
N VAL A 14 19.18 -3.57 -5.26
CA VAL A 14 19.68 -3.11 -3.97
C VAL A 14 19.54 -4.20 -2.95
N ASP A 15 20.64 -4.61 -2.35
CA ASP A 15 20.61 -5.61 -1.32
C ASP A 15 21.97 -5.54 -0.65
N ASP A 16 22.03 -5.75 0.65
CA ASP A 16 23.31 -5.73 1.35
C ASP A 16 24.16 -6.99 1.19
N PHE A 17 23.58 -8.03 0.58
CA PHE A 17 24.28 -9.29 0.28
C PHE A 17 24.50 -9.58 -1.21
N SER A 18 25.75 -9.79 -1.57
CA SER A 18 26.19 -9.99 -2.96
C SER A 18 25.41 -11.10 -3.63
N THR A 19 25.25 -12.19 -2.91
CA THR A 19 24.57 -13.34 -3.46
C THR A 19 23.20 -12.96 -4.01
N MET A 20 22.46 -12.20 -3.23
CA MET A 20 21.09 -11.87 -3.58
C MET A 20 21.02 -10.94 -4.77
N ARG A 21 21.96 -9.99 -4.84
CA ARG A 21 22.08 -9.11 -6.01
C ARG A 21 22.43 -9.93 -7.24
N ARG A 22 23.31 -10.90 -7.04
CA ARG A 22 23.77 -11.72 -8.13
C ARG A 22 22.59 -12.53 -8.69
N ILE A 23 21.75 -13.06 -7.82
CA ILE A 23 20.50 -13.68 -8.25
C ILE A 23 19.61 -12.80 -9.15
N VAL A 24 19.30 -11.60 -8.70
CA VAL A 24 18.39 -10.71 -9.42
C VAL A 24 18.99 -10.26 -10.76
N ARG A 25 20.26 -9.85 -10.75
CA ARG A 25 20.95 -9.49 -11.98
C ARG A 25 20.90 -10.57 -13.05
N ASN A 26 21.14 -11.81 -12.65
CA ASN A 26 21.10 -12.91 -13.61
C ASN A 26 19.70 -13.19 -14.15
N LEU A 27 18.71 -13.07 -13.28
CA LEU A 27 17.34 -13.20 -13.72
C LEU A 27 16.97 -12.13 -14.74
N LEU A 28 17.43 -10.89 -14.50
CA LEU A 28 17.13 -9.78 -15.41
C LEU A 28 17.78 -9.95 -16.77
N LYS A 29 19.02 -10.41 -16.75
CA LYS A 29 19.74 -10.72 -17.98
C LYS A 29 18.96 -11.74 -18.78
N GLU A 30 18.58 -12.82 -18.11
CA GLU A 30 17.77 -13.89 -18.70
C GLU A 30 16.53 -13.29 -19.39
N LEU A 31 15.95 -12.26 -18.79
CA LEU A 31 14.71 -11.66 -19.32
C LEU A 31 14.99 -10.67 -20.43
N GLY A 32 16.26 -10.44 -20.69
CA GLY A 32 16.69 -9.56 -21.75
C GLY A 32 17.05 -8.16 -21.30
N PHE A 33 17.19 -7.96 -19.99
CA PHE A 33 17.57 -6.64 -19.48
C PHE A 33 19.01 -6.63 -18.96
N ASN A 34 19.90 -5.99 -19.72
CA ASN A 34 21.33 -5.95 -19.40
C ASN A 34 21.78 -4.60 -18.87
N ASN A 35 20.87 -3.63 -18.87
CA ASN A 35 21.18 -2.31 -18.35
C ASN A 35 20.86 -2.29 -16.85
N VAL A 36 21.82 -2.76 -16.06
CA VAL A 36 21.60 -3.03 -14.64
C VAL A 36 22.78 -2.61 -13.73
N GLU A 37 22.51 -1.84 -12.67
CA GLU A 37 23.51 -1.45 -11.66
C GLU A 37 23.09 -1.94 -10.28
N GLU A 38 24.04 -1.99 -9.35
CA GLU A 38 23.77 -2.53 -8.03
C GLU A 38 24.08 -1.50 -6.94
N ALA A 39 23.39 -1.61 -5.82
CA ALA A 39 23.71 -0.78 -4.67
C ALA A 39 23.63 -1.69 -3.45
N GLU A 40 24.38 -1.34 -2.41
CA GLU A 40 24.52 -2.17 -1.22
C GLU A 40 23.69 -1.73 -0.01
N ASP A 41 23.07 -0.56 -0.10
CA ASP A 41 22.18 -0.07 0.95
C ASP A 41 21.39 1.13 0.42
N GLY A 42 20.47 1.65 1.23
CA GLY A 42 19.60 2.72 0.77
C GLY A 42 20.31 4.00 0.35
N VAL A 43 21.37 4.33 1.08
CA VAL A 43 22.11 5.55 0.79
C VAL A 43 22.82 5.47 -0.54
N ASP A 44 23.59 4.40 -0.71
CA ASP A 44 24.23 4.05 -1.96
C ASP A 44 23.21 4.13 -3.12
N ALA A 45 22.03 3.54 -2.91
CA ALA A 45 20.97 3.53 -3.93
C ALA A 45 20.51 4.94 -4.32
N LEU A 46 20.23 5.78 -3.34
CA LEU A 46 19.77 7.13 -3.65
C LEU A 46 20.86 7.89 -4.39
N ASN A 47 22.11 7.68 -3.99
CA ASN A 47 23.23 8.29 -4.68
C ASN A 47 23.18 7.97 -6.17
N LYS A 48 22.96 6.71 -6.51
CA LYS A 48 22.91 6.36 -7.92
C LYS A 48 21.66 6.90 -8.58
N LEU A 49 20.53 6.77 -7.88
CA LEU A 49 19.26 7.27 -8.40
C LEU A 49 19.24 8.74 -8.73
N GLN A 50 19.75 9.55 -7.81
CA GLN A 50 19.80 11.02 -8.01
C GLN A 50 20.75 11.41 -9.15
N ALA A 51 21.70 10.53 -9.45
CA ALA A 51 22.53 10.64 -10.63
C ALA A 51 21.68 10.60 -11.93
N GLY A 52 20.53 9.96 -11.88
CA GLY A 52 19.61 9.98 -13.01
C GLY A 52 19.66 8.78 -13.94
N GLY A 53 18.59 8.63 -14.72
CA GLY A 53 18.50 7.62 -15.78
C GLY A 53 17.84 6.29 -15.48
N TYR A 54 17.56 6.03 -14.21
CA TYR A 54 17.02 4.73 -13.81
C TYR A 54 15.52 4.66 -14.08
N GLY A 55 15.04 3.48 -14.48
CA GLY A 55 13.63 3.26 -14.70
C GLY A 55 12.94 2.21 -13.82
N PHE A 56 13.69 1.53 -12.96
CA PHE A 56 13.12 0.46 -12.16
C PHE A 56 14.02 0.11 -10.99
N VAL A 57 13.47 -0.04 -9.79
CA VAL A 57 14.25 -0.46 -8.61
C VAL A 57 13.76 -1.78 -8.05
N ILE A 58 14.68 -2.69 -7.76
CA ILE A 58 14.32 -3.93 -7.10
C ILE A 58 15.12 -3.87 -5.82
N SER A 59 14.44 -3.97 -4.69
CA SER A 59 15.10 -3.67 -3.44
C SER A 59 14.76 -4.58 -2.30
N ASP A 60 15.81 -4.92 -1.56
CA ASP A 60 15.76 -5.64 -0.30
C ASP A 60 15.13 -4.71 0.75
N TRP A 61 14.86 -5.25 1.92
CA TRP A 61 14.37 -4.45 3.04
C TRP A 61 15.47 -4.25 4.07
N ASP A 62 15.90 -5.32 4.72
CA ASP A 62 16.85 -5.20 5.82
C ASP A 62 18.25 -4.92 5.37
N MET A 63 18.70 -3.67 5.53
CA MET A 63 20.02 -3.24 5.06
C MET A 63 20.54 -2.17 6.02
N PRO A 64 21.86 -2.12 6.24
CA PRO A 64 22.41 -1.06 7.08
C PRO A 64 22.37 0.30 6.41
N ASN A 65 22.63 1.33 7.19
CA ASN A 65 22.71 2.72 6.74
C ASN A 65 21.36 3.33 6.37
N MET A 66 20.64 2.68 5.46
CA MET A 66 19.24 3.01 5.20
C MET A 66 18.56 1.77 4.68
N ASP A 67 17.57 1.28 5.42
CA ASP A 67 16.84 0.10 5.01
C ASP A 67 15.90 0.37 3.85
N GLY A 68 15.32 -0.69 3.30
CA GLY A 68 14.53 -0.58 2.10
C GLY A 68 13.17 0.06 2.26
N LEU A 69 12.58 -0.01 3.46
CA LEU A 69 11.30 0.65 3.65
C LEU A 69 11.53 2.16 3.65
N GLU A 70 12.58 2.61 4.33
CA GLU A 70 13.00 4.00 4.28
C GLU A 70 13.38 4.44 2.87
N LEU A 71 14.10 3.59 2.16
CA LEU A 71 14.42 3.86 0.77
C LEU A 71 13.15 4.15 -0.03
N LEU A 72 12.18 3.25 0.07
CA LEU A 72 10.92 3.37 -0.65
C LEU A 72 10.15 4.64 -0.28
N LYS A 73 10.09 4.95 1.01
CA LYS A 73 9.41 6.17 1.49
C LYS A 73 10.09 7.43 0.93
N THR A 74 11.42 7.43 0.91
CA THR A 74 12.22 8.53 0.37
C THR A 74 11.94 8.74 -1.12
N ILE A 75 11.99 7.66 -1.89
CA ILE A 75 11.70 7.69 -3.32
C ILE A 75 10.30 8.26 -3.57
N ARG A 76 9.32 7.74 -2.83
CA ARG A 76 7.92 8.12 -3.05
C ARG A 76 7.65 9.58 -2.69
N ALA A 77 8.46 10.14 -1.81
CA ALA A 77 8.28 11.50 -1.31
C ALA A 77 9.08 12.51 -2.15
N ASP A 78 10.03 12.02 -2.95
CA ASP A 78 10.86 12.90 -3.77
C ASP A 78 10.16 13.32 -5.07
N GLY A 79 10.04 14.62 -5.30
CA GLY A 79 9.33 15.11 -6.47
C GLY A 79 9.84 14.62 -7.81
N ALA A 80 11.15 14.52 -7.97
CA ALA A 80 11.77 14.04 -9.21
C ALA A 80 11.64 12.54 -9.53
N MET A 81 11.36 11.71 -8.52
CA MET A 81 11.33 10.26 -8.76
C MET A 81 10.15 9.53 -8.09
N SER A 82 9.16 10.30 -7.67
CA SER A 82 8.05 9.80 -6.90
C SER A 82 7.31 8.64 -7.56
N ALA A 83 7.45 8.54 -8.88
CA ALA A 83 6.72 7.51 -9.66
C ALA A 83 7.54 6.26 -9.99
N LEU A 84 8.81 6.29 -9.65
CA LEU A 84 9.69 5.19 -9.94
C LEU A 84 9.07 3.87 -9.49
N PRO A 85 9.02 2.88 -10.37
CA PRO A 85 8.59 1.55 -9.89
C PRO A 85 9.57 1.00 -8.87
N VAL A 86 9.07 0.45 -7.77
CA VAL A 86 9.91 -0.16 -6.76
C VAL A 86 9.36 -1.52 -6.37
N LEU A 87 10.07 -2.61 -6.70
CA LEU A 87 9.70 -3.96 -6.31
C LEU A 87 10.47 -4.41 -5.08
N MET A 88 9.78 -4.65 -3.98
CA MET A 88 10.41 -5.17 -2.77
C MET A 88 10.65 -6.67 -2.85
N VAL A 89 11.86 -7.08 -2.50
CA VAL A 89 12.23 -8.49 -2.47
CA VAL A 89 12.22 -8.49 -2.45
C VAL A 89 12.84 -8.75 -1.10
N THR A 90 12.13 -9.47 -0.25
CA THR A 90 12.54 -9.63 1.14
C THR A 90 12.04 -10.94 1.72
N ALA A 91 12.74 -11.43 2.74
CA ALA A 91 12.28 -12.59 3.49
C ALA A 91 11.16 -12.27 4.46
N ARG A 92 10.91 -10.98 4.69
CA ARG A 92 9.81 -10.56 5.57
C ARG A 92 8.41 -10.88 5.04
N ALA A 93 7.71 -11.71 5.79
CA ALA A 93 6.42 -12.23 5.37
C ALA A 93 5.29 -11.89 6.36
N LYS A 94 5.57 -11.17 7.45
CA LYS A 94 4.45 -10.88 8.35
C LYS A 94 3.52 -9.94 7.60
N LYS A 95 2.24 -10.11 7.86
CA LYS A 95 1.23 -9.29 7.24
C LYS A 95 1.43 -7.81 7.53
N GLU A 96 1.96 -7.47 8.71
CA GLU A 96 2.17 -6.04 8.98
C GLU A 96 3.35 -5.42 8.23
N ASN A 97 4.32 -6.24 7.84
CA ASN A 97 5.40 -5.79 6.98
C ASN A 97 4.87 -5.51 5.59
N ILE A 98 4.11 -6.45 5.04
CA ILE A 98 3.51 -6.29 3.73
C ILE A 98 2.64 -5.03 3.68
N ILE A 99 1.79 -4.82 4.69
CA ILE A 99 1.00 -3.59 4.80
C ILE A 99 1.85 -2.33 4.80
N ALA A 100 2.85 -2.28 5.66
CA ALA A 100 3.73 -1.11 5.73
C ALA A 100 4.34 -0.77 4.38
N ALA A 101 4.80 -1.78 3.65
CA ALA A 101 5.45 -1.57 2.38
C ALA A 101 4.43 -1.17 1.34
N ALA A 102 3.27 -1.84 1.36
CA ALA A 102 2.17 -1.51 0.46
C ALA A 102 1.72 -0.06 0.62
N GLN A 103 1.46 0.33 1.85
CA GLN A 103 1.00 1.68 2.17
C GLN A 103 2.05 2.74 1.83
N ALA A 104 3.33 2.37 1.94
CA ALA A 104 4.44 3.27 1.62
C ALA A 104 4.57 3.45 0.12
N GLY A 105 3.87 2.62 -0.65
CA GLY A 105 3.86 2.79 -2.09
C GLY A 105 4.61 1.79 -2.94
N ALA A 106 4.92 0.61 -2.38
CA ALA A 106 5.55 -0.47 -3.15
C ALA A 106 4.77 -0.81 -4.42
N SER A 107 5.45 -1.01 -5.55
CA SER A 107 4.79 -1.43 -6.79
C SER A 107 4.44 -2.91 -6.74
N GLY A 108 5.13 -3.66 -5.90
CA GLY A 108 4.94 -5.09 -5.84
C GLY A 108 5.78 -5.59 -4.69
N TYR A 109 5.63 -6.87 -4.33
CA TYR A 109 6.27 -7.43 -3.14
C TYR A 109 6.43 -8.94 -3.34
N VAL A 110 7.70 -9.35 -3.40
CA VAL A 110 8.09 -10.74 -3.55
C VAL A 110 8.84 -11.25 -2.31
N VAL A 111 8.47 -12.42 -1.81
CA VAL A 111 9.11 -13.00 -0.63
C VAL A 111 10.24 -14.00 -0.97
N LYS A 112 11.39 -13.82 -0.35
CA LYS A 112 12.53 -14.73 -0.49
C LYS A 112 12.35 -15.97 0.41
N PRO A 113 12.79 -17.13 -0.08
CA PRO A 113 13.36 -17.31 -1.43
C PRO A 113 12.27 -17.37 -2.50
N PHE A 114 12.63 -17.00 -3.72
CA PHE A 114 11.67 -16.90 -4.80
C PHE A 114 12.20 -17.55 -6.05
N THR A 115 11.29 -18.01 -6.89
CA THR A 115 11.69 -18.65 -8.16
C THR A 115 11.81 -17.63 -9.29
N ALA A 116 12.47 -18.05 -10.36
CA ALA A 116 12.61 -17.25 -11.57
C ALA A 116 11.25 -16.89 -12.10
N ALA A 117 10.35 -17.86 -12.09
CA ALA A 117 8.98 -17.64 -12.55
C ALA A 117 8.25 -16.59 -11.73
N THR A 118 8.40 -16.68 -10.42
CA THR A 118 7.76 -15.71 -9.55
C THR A 118 8.22 -14.30 -9.83
N LEU A 119 9.51 -14.11 -10.02
CA LEU A 119 10.03 -12.77 -10.28
C LEU A 119 9.52 -12.26 -11.61
N GLU A 120 9.60 -13.10 -12.63
CA GLU A 120 9.15 -12.72 -13.95
C GLU A 120 7.69 -12.29 -13.89
N GLU A 121 6.90 -13.06 -13.18
CA GLU A 121 5.50 -12.78 -13.17
C GLU A 121 5.20 -11.51 -12.39
N LYS A 122 5.91 -11.22 -11.32
CA LYS A 122 5.65 -9.97 -10.60
C LYS A 122 6.13 -8.69 -11.32
N LEU A 123 7.21 -8.81 -12.08
CA LEU A 123 7.69 -7.71 -12.91
C LEU A 123 6.73 -7.43 -14.05
N ASN A 124 6.26 -8.49 -14.69
CA ASN A 124 5.35 -8.32 -15.80
C ASN A 124 4.08 -7.67 -15.29
N LYS A 125 3.69 -8.00 -14.06
CA LYS A 125 2.52 -7.39 -13.45
C LYS A 125 2.67 -5.90 -13.27
N ILE A 126 3.87 -5.48 -12.86
CA ILE A 126 4.15 -4.07 -12.70
C ILE A 126 4.21 -3.39 -14.06
N PHE A 127 4.84 -4.04 -15.02
CA PHE A 127 4.92 -3.45 -16.35
C PHE A 127 3.53 -3.21 -16.91
N GLU A 128 2.64 -4.20 -16.82
CA GLU A 128 1.27 -4.06 -17.35
C GLU A 128 0.50 -2.97 -16.61
N LYS A 129 0.66 -2.93 -15.30
CA LYS A 129 -0.02 -1.95 -14.48
C LYS A 129 0.42 -0.52 -14.82
N LEU A 130 1.67 -0.34 -15.23
CA LEU A 130 2.21 1.02 -15.42
C LEU A 130 2.28 1.43 -16.89
N GLY A 131 1.83 0.55 -17.79
CA GLY A 131 1.90 0.82 -19.20
C GLY A 131 3.29 0.91 -19.78
N MET A 132 4.20 0.10 -19.27
CA MET A 132 5.57 0.05 -19.78
C MET A 132 5.69 -1.02 -20.85
N HIS B 3 -12.17 19.53 8.20
CA HIS B 3 -12.17 18.16 8.72
C HIS B 3 -10.92 17.85 9.55
N MET B 4 -11.06 18.02 10.87
CA MET B 4 -9.99 17.76 11.84
C MET B 4 -10.47 16.64 12.80
N ALA B 5 -9.55 15.89 13.42
CA ALA B 5 -9.88 14.81 14.37
C ALA B 5 -10.30 15.24 15.79
N ASP B 6 -11.41 15.98 15.83
CA ASP B 6 -12.06 16.43 17.06
C ASP B 6 -13.34 15.63 17.29
N LYS B 7 -13.92 15.78 18.47
CA LYS B 7 -15.12 15.02 18.83
C LYS B 7 -16.19 14.97 17.75
N GLU B 8 -16.16 15.92 16.83
CA GLU B 8 -17.25 16.07 15.85
C GLU B 8 -17.06 15.31 14.52
N LEU B 9 -15.85 14.86 14.23
CA LEU B 9 -15.57 14.10 13.00
C LEU B 9 -16.62 13.02 12.80
N LYS B 10 -17.24 13.02 11.62
CA LYS B 10 -18.33 12.09 11.34
C LYS B 10 -17.86 10.86 10.54
N PHE B 11 -18.03 9.69 11.14
CA PHE B 11 -17.54 8.43 10.59
C PHE B 11 -18.65 7.67 9.90
N LEU B 12 -18.29 6.95 8.85
CA LEU B 12 -19.16 5.94 8.25
C LEU B 12 -18.49 4.58 8.37
N VAL B 13 -19.18 3.66 9.03
CA VAL B 13 -18.68 2.31 9.27
C VAL B 13 -19.42 1.36 8.37
N VAL B 14 -18.71 0.69 7.47
CA VAL B 14 -19.35 -0.13 6.43
C VAL B 14 -18.91 -1.58 6.61
N ASP B 15 -19.87 -2.49 6.79
CA ASP B 15 -19.62 -3.91 6.92
C ASP B 15 -20.94 -4.62 6.73
N ASP B 16 -20.94 -5.76 6.06
CA ASP B 16 -22.20 -6.46 5.91
C ASP B 16 -22.65 -7.21 7.18
N PHE B 17 -21.80 -7.29 8.20
CA PHE B 17 -22.12 -7.96 9.46
C PHE B 17 -22.24 -7.04 10.64
N SER B 18 -23.39 -7.11 11.33
CA SER B 18 -23.70 -6.19 12.41
C SER B 18 -22.69 -6.28 13.54
N THR B 19 -22.23 -7.48 13.84
CA THR B 19 -21.22 -7.68 14.89
C THR B 19 -19.98 -6.85 14.62
N MET B 20 -19.50 -6.90 13.38
CA MET B 20 -18.29 -6.18 12.99
C MET B 20 -18.48 -4.66 13.12
N ARG B 21 -19.64 -4.19 12.68
CA ARG B 21 -19.92 -2.76 12.73
C ARG B 21 -20.02 -2.36 14.18
N ARG B 22 -20.65 -3.21 14.98
CA ARG B 22 -20.83 -2.93 16.40
C ARG B 22 -19.46 -2.81 17.11
N ILE B 23 -18.57 -3.74 16.83
CA ILE B 23 -17.20 -3.66 17.34
C ILE B 23 -16.56 -2.29 17.03
N VAL B 24 -16.59 -1.89 15.77
CA VAL B 24 -15.94 -0.66 15.38
C VAL B 24 -16.60 0.57 16.03
N ARG B 25 -17.93 0.59 16.05
CA ARG B 25 -18.67 1.71 16.64
C ARG B 25 -18.32 1.90 18.12
N ASN B 26 -18.26 0.81 18.86
CA ASN B 26 -17.91 0.88 20.27
C ASN B 26 -16.50 1.43 20.50
N LEU B 27 -15.55 0.97 19.69
CA LEU B 27 -14.19 1.47 19.80
C LEU B 27 -14.11 2.96 19.56
N LEU B 28 -14.83 3.42 18.54
CA LEU B 28 -14.88 4.82 18.21
C LEU B 28 -15.43 5.62 19.38
N LYS B 29 -16.47 5.07 20.02
CA LYS B 29 -17.06 5.72 21.16
C LYS B 29 -16.07 5.86 22.25
N GLU B 30 -15.36 4.78 22.47
CA GLU B 30 -14.34 4.75 23.49
C GLU B 30 -13.30 5.84 23.20
N LEU B 31 -12.98 6.06 21.92
CA LEU B 31 -11.99 7.08 21.56
C LEU B 31 -12.57 8.50 21.56
N GLY B 32 -13.86 8.64 21.82
CA GLY B 32 -14.45 9.95 21.94
C GLY B 32 -15.15 10.45 20.69
N PHE B 33 -15.41 9.54 19.77
CA PHE B 33 -16.15 9.90 18.56
C PHE B 33 -17.50 9.25 18.62
N ASN B 34 -18.52 10.06 18.78
CA ASN B 34 -19.90 9.55 18.83
C ASN B 34 -20.66 9.88 17.57
N ASN B 35 -20.04 10.68 16.71
CA ASN B 35 -20.63 11.07 15.44
C ASN B 35 -20.33 10.00 14.39
N VAL B 36 -21.10 8.91 14.46
CA VAL B 36 -20.78 7.71 13.71
C VAL B 36 -22.06 7.11 13.08
N GLU B 37 -22.04 6.80 11.80
CA GLU B 37 -23.15 6.11 11.12
C GLU B 37 -22.69 4.78 10.55
N GLU B 38 -23.64 3.94 10.13
CA GLU B 38 -23.35 2.62 9.60
C GLU B 38 -23.94 2.41 8.23
N ALA B 39 -23.31 1.54 7.45
CA ALA B 39 -23.82 1.11 6.17
C ALA B 39 -23.49 -0.36 6.02
N GLU B 40 -24.30 -1.07 5.28
CA GLU B 40 -24.18 -2.51 5.22
C GLU B 40 -23.58 -2.99 3.89
N ASP B 41 -23.34 -2.07 2.97
CA ASP B 41 -22.63 -2.41 1.72
C ASP B 41 -22.19 -1.16 0.99
N GLY B 42 -21.45 -1.35 -0.09
CA GLY B 42 -20.90 -0.21 -0.78
C GLY B 42 -21.93 0.76 -1.31
N VAL B 43 -23.07 0.25 -1.73
CA VAL B 43 -24.15 1.10 -2.25
C VAL B 43 -24.79 1.89 -1.12
N ASP B 44 -25.18 1.19 -0.05
CA ASP B 44 -25.66 1.81 1.16
C ASP B 44 -24.65 2.90 1.54
N ALA B 45 -23.38 2.54 1.55
CA ALA B 45 -22.34 3.49 1.91
C ALA B 45 -22.33 4.76 1.06
N LEU B 46 -22.34 4.57 -0.25
CA LEU B 46 -22.28 5.70 -1.18
C LEU B 46 -23.49 6.62 -1.07
N ASN B 47 -24.65 6.04 -0.80
CA ASN B 47 -25.85 6.85 -0.58
C ASN B 47 -25.69 7.81 0.59
N LYS B 48 -25.14 7.33 1.70
CA LYS B 48 -24.94 8.19 2.85
C LYS B 48 -23.87 9.25 2.60
N LEU B 49 -22.79 8.82 1.96
CA LEU B 49 -21.67 9.71 1.70
C LEU B 49 -22.11 10.87 0.84
N GLN B 50 -22.91 10.61 -0.18
CA GLN B 50 -23.31 11.69 -1.09
C GLN B 50 -24.36 12.62 -0.46
N ALA B 51 -25.02 12.16 0.60
CA ALA B 51 -25.85 13.00 1.45
C ALA B 51 -25.02 14.06 2.21
N GLY B 52 -23.70 13.85 2.29
CA GLY B 52 -22.78 14.85 2.83
C GLY B 52 -22.51 14.78 4.33
N GLY B 53 -21.40 15.39 4.74
CA GLY B 53 -21.07 15.52 6.15
C GLY B 53 -19.97 14.61 6.66
N TYR B 54 -19.69 13.53 5.94
CA TYR B 54 -18.73 12.54 6.43
C TYR B 54 -17.27 12.97 6.29
N GLY B 55 -16.46 12.61 7.28
CA GLY B 55 -15.05 12.93 7.23
C GLY B 55 -14.11 11.75 7.30
N PHE B 56 -14.65 10.53 7.36
CA PHE B 56 -13.80 9.36 7.51
C PHE B 56 -14.61 8.09 7.23
N VAL B 57 -14.08 7.19 6.42
CA VAL B 57 -14.77 5.92 6.17
C VAL B 57 -13.93 4.75 6.70
N ILE B 58 -14.57 3.81 7.38
CA ILE B 58 -13.91 2.58 7.80
C ILE B 58 -14.67 1.45 7.19
N SER B 59 -14.01 0.67 6.37
CA SER B 59 -14.75 -0.25 5.54
C SER B 59 -14.23 -1.66 5.48
N ASP B 60 -15.17 -2.59 5.49
CA ASP B 60 -14.96 -3.99 5.19
C ASP B 60 -14.65 -4.16 3.70
N TRP B 61 -14.24 -5.36 3.29
CA TRP B 61 -14.04 -5.66 1.89
C TRP B 61 -15.16 -6.54 1.31
N ASP B 62 -15.25 -7.79 1.75
CA ASP B 62 -16.23 -8.72 1.20
CA ASP B 62 -16.22 -8.73 1.21
C ASP B 62 -17.65 -8.41 1.64
N MET B 63 -18.41 -7.79 0.74
CA MET B 63 -19.82 -7.44 0.96
C MET B 63 -20.56 -7.59 -0.36
N PRO B 64 -21.84 -7.96 -0.30
CA PRO B 64 -22.69 -8.04 -1.48
C PRO B 64 -23.03 -6.66 -2.04
N ASN B 65 -23.60 -6.68 -3.25
CA ASN B 65 -24.07 -5.49 -3.92
C ASN B 65 -22.97 -4.57 -4.42
N MET B 66 -22.10 -4.16 -3.52
CA MET B 66 -20.84 -3.53 -3.90
C MET B 66 -19.82 -3.74 -2.81
N ASP B 67 -18.72 -4.40 -3.13
CA ASP B 67 -17.65 -4.66 -2.15
C ASP B 67 -16.79 -3.43 -1.81
N GLY B 68 -15.96 -3.56 -0.78
CA GLY B 68 -15.21 -2.44 -0.26
C GLY B 68 -14.13 -1.91 -1.18
N LEU B 69 -13.61 -2.77 -2.03
CA LEU B 69 -12.57 -2.35 -2.95
C LEU B 69 -13.18 -1.45 -4.02
N GLU B 70 -14.33 -1.86 -4.54
CA GLU B 70 -15.10 -1.04 -5.49
C GLU B 70 -15.50 0.27 -4.88
N LEU B 71 -15.95 0.19 -3.63
CA LEU B 71 -16.35 1.37 -2.88
C LEU B 71 -15.18 2.33 -2.79
N LEU B 72 -14.03 1.80 -2.38
CA LEU B 72 -12.84 2.61 -2.26
C LEU B 72 -12.48 3.25 -3.59
N LYS B 73 -12.43 2.47 -4.66
CA LYS B 73 -12.12 2.98 -5.99
C LYS B 73 -13.11 4.05 -6.41
N THR B 74 -14.38 3.79 -6.16
CA THR B 74 -15.45 4.72 -6.52
C THR B 74 -15.29 6.08 -5.79
N ILE B 75 -14.99 6.02 -4.50
CA ILE B 75 -14.76 7.22 -3.72
C ILE B 75 -13.59 8.03 -4.27
N ARG B 76 -12.51 7.34 -4.65
CA ARG B 76 -11.25 7.98 -5.07
C ARG B 76 -11.39 8.63 -6.45
N ALA B 77 -12.25 8.04 -7.27
CA ALA B 77 -12.51 8.50 -8.62
C ALA B 77 -13.53 9.65 -8.62
N ASP B 78 -14.23 9.82 -7.51
CA ASP B 78 -15.31 10.80 -7.45
C ASP B 78 -14.84 12.21 -7.08
N GLY B 79 -15.14 13.17 -7.94
CA GLY B 79 -14.65 14.52 -7.73
C GLY B 79 -15.02 15.13 -6.39
N ALA B 80 -16.18 14.79 -5.85
CA ALA B 80 -16.60 15.35 -4.58
C ALA B 80 -15.98 14.67 -3.35
N MET B 81 -15.59 13.41 -3.49
CA MET B 81 -15.21 12.56 -2.36
C MET B 81 -13.74 12.11 -2.34
N SER B 82 -13.00 12.48 -3.39
CA SER B 82 -11.74 11.81 -3.74
C SER B 82 -10.69 11.79 -2.62
N ALA B 83 -10.77 12.69 -1.66
CA ALA B 83 -9.71 12.73 -0.67
C ALA B 83 -10.15 12.20 0.70
N LEU B 84 -11.38 11.69 0.78
CA LEU B 84 -11.94 11.11 2.00
C LEU B 84 -11.10 9.94 2.54
N PRO B 85 -10.71 10.02 3.82
CA PRO B 85 -9.97 8.90 4.41
C PRO B 85 -10.75 7.59 4.37
N VAL B 86 -10.10 6.52 3.95
CA VAL B 86 -10.73 5.23 3.97
C VAL B 86 -9.81 4.20 4.59
N LEU B 87 -10.21 3.66 5.73
CA LEU B 87 -9.44 2.60 6.37
C LEU B 87 -10.07 1.24 6.07
N MET B 88 -9.35 0.35 5.41
CA MET B 88 -9.85 -1.00 5.16
C MET B 88 -9.69 -1.86 6.40
N VAL B 89 -10.72 -2.63 6.67
CA VAL B 89 -10.69 -3.50 7.81
C VAL B 89 -11.27 -4.83 7.40
N THR B 90 -10.42 -5.83 7.23
CA THR B 90 -10.83 -7.02 6.48
C THR B 90 -10.04 -8.23 6.94
N ALA B 91 -10.64 -9.41 6.81
CA ALA B 91 -9.97 -10.69 7.08
C ALA B 91 -9.08 -11.13 5.93
N ARG B 92 -9.26 -10.50 4.77
CA ARG B 92 -8.41 -10.78 3.62
C ARG B 92 -6.96 -10.34 3.85
N ALA B 93 -6.01 -11.27 3.73
CA ALA B 93 -4.63 -11.02 4.12
C ALA B 93 -3.60 -11.49 3.08
N LYS B 94 -4.07 -11.85 1.90
CA LYS B 94 -3.18 -12.17 0.79
C LYS B 94 -2.37 -10.98 0.39
N LYS B 95 -1.08 -11.20 0.16
CA LYS B 95 -0.12 -10.20 -0.32
C LYS B 95 -0.79 -9.37 -1.47
N GLU B 96 -1.35 -10.08 -2.45
CA GLU B 96 -1.99 -9.47 -3.61
C GLU B 96 -3.19 -8.61 -3.18
N ASN B 97 -3.81 -8.91 -2.04
CA ASN B 97 -4.98 -8.17 -1.61
C ASN B 97 -4.65 -6.89 -0.94
N ILE B 98 -3.62 -6.97 -0.11
CA ILE B 98 -3.04 -5.83 0.55
C ILE B 98 -2.48 -4.83 -0.40
N ILE B 99 -1.80 -5.31 -1.43
CA ILE B 99 -1.22 -4.41 -2.41
C ILE B 99 -2.31 -3.74 -3.23
N ALA B 100 -3.27 -4.52 -3.69
CA ALA B 100 -4.39 -3.99 -4.47
C ALA B 100 -5.09 -2.83 -3.76
N ALA B 101 -5.33 -2.99 -2.46
CA ALA B 101 -6.02 -1.95 -1.71
C ALA B 101 -5.20 -0.67 -1.59
N ALA B 102 -3.91 -0.81 -1.33
CA ALA B 102 -3.04 0.35 -1.22
C ALA B 102 -3.01 1.06 -2.56
N GLN B 103 -2.89 0.29 -3.62
CA GLN B 103 -2.76 0.88 -4.93
C GLN B 103 -4.07 1.53 -5.35
N ALA B 104 -5.19 1.09 -4.77
CA ALA B 104 -6.46 1.70 -5.08
C ALA B 104 -6.69 2.94 -4.24
N GLY B 105 -5.74 3.26 -3.38
CA GLY B 105 -5.86 4.44 -2.55
C GLY B 105 -6.29 4.33 -1.10
N ALA B 106 -6.30 3.12 -0.55
CA ALA B 106 -6.61 2.97 0.87
C ALA B 106 -5.74 3.86 1.75
N SER B 107 -6.30 4.43 2.80
CA SER B 107 -5.55 5.25 3.74
C SER B 107 -4.81 4.37 4.73
N GLY B 108 -5.34 3.17 4.95
CA GLY B 108 -4.76 2.25 5.92
C GLY B 108 -5.39 0.89 5.74
N TYR B 109 -4.82 -0.11 6.38
CA TYR B 109 -5.32 -1.47 6.22
C TYR B 109 -5.19 -2.15 7.58
N VAL B 110 -6.28 -2.75 8.06
CA VAL B 110 -6.29 -3.45 9.33
C VAL B 110 -6.80 -4.84 9.05
N VAL B 111 -6.13 -5.86 9.56
CA VAL B 111 -6.62 -7.21 9.36
C VAL B 111 -7.45 -7.71 10.54
N LYS B 112 -8.61 -8.28 10.23
CA LYS B 112 -9.46 -8.86 11.26
C LYS B 112 -8.92 -10.25 11.57
N PRO B 113 -8.99 -10.64 12.84
CA PRO B 113 -9.50 -9.81 13.94
C PRO B 113 -8.42 -8.88 14.43
N PHE B 114 -8.81 -7.74 14.98
CA PHE B 114 -7.85 -6.73 15.39
C PHE B 114 -8.19 -6.29 16.79
N THR B 115 -7.22 -5.75 17.50
CA THR B 115 -7.44 -5.28 18.86
C THR B 115 -7.77 -3.79 18.88
N ALA B 116 -8.28 -3.34 20.03
CA ALA B 116 -8.57 -1.93 20.23
C ALA B 116 -7.29 -1.14 20.03
N ALA B 117 -6.17 -1.68 20.50
CA ALA B 117 -4.91 -0.96 20.42
C ALA B 117 -4.54 -0.76 18.96
N THR B 118 -4.62 -1.82 18.17
CA THR B 118 -4.39 -1.75 16.74
C THR B 118 -5.25 -0.70 16.02
N LEU B 119 -6.56 -0.77 16.21
CA LEU B 119 -7.45 0.19 15.55
C LEU B 119 -7.05 1.61 15.91
N GLU B 120 -6.79 1.86 17.19
CA GLU B 120 -6.47 3.21 17.66
C GLU B 120 -5.16 3.70 17.02
N GLU B 121 -4.21 2.80 16.85
CA GLU B 121 -2.94 3.22 16.25
C GLU B 121 -3.12 3.47 14.76
N LYS B 122 -3.83 2.58 14.07
CA LYS B 122 -4.06 2.74 12.64
C LYS B 122 -4.78 4.06 12.38
N LEU B 123 -5.79 4.35 13.21
CA LEU B 123 -6.48 5.62 13.11
C LEU B 123 -5.56 6.79 13.36
N ASN B 124 -4.78 6.72 14.44
CA ASN B 124 -3.94 7.85 14.82
C ASN B 124 -2.87 8.16 13.77
N LYS B 125 -2.35 7.12 13.13
CA LYS B 125 -1.37 7.27 12.06
C LYS B 125 -1.97 8.08 10.93
N ILE B 126 -3.22 7.76 10.57
CA ILE B 126 -3.92 8.43 9.48
C ILE B 126 -4.28 9.87 9.83
N PHE B 127 -4.87 10.09 11.00
CA PHE B 127 -5.13 11.45 11.49
C PHE B 127 -3.85 12.24 11.28
N GLU B 128 -2.74 11.68 11.75
CA GLU B 128 -1.44 12.34 11.66
C GLU B 128 -0.99 12.64 10.24
N LYS B 129 -0.90 11.62 9.39
CA LYS B 129 -0.46 11.77 8.00
C LYS B 129 -1.27 12.84 7.25
N LEU B 130 -2.55 12.99 7.64
CA LEU B 130 -3.48 13.88 6.95
C LEU B 130 -3.74 15.20 7.67
N GLY B 131 -2.93 15.45 8.69
CA GLY B 131 -3.01 16.66 9.50
C GLY B 131 -4.36 16.92 10.11
N MET B 132 -5.03 15.85 10.54
CA MET B 132 -6.32 15.93 11.21
C MET B 132 -6.08 16.05 12.73
MN MN C . 19.37 -7.63 3.64
W WO4 D . 15.74 -9.11 4.34
O1 WO4 D . 14.30 -7.68 4.12
O2 WO4 D . 17.59 -8.31 4.23
O3 WO4 D . 15.58 -10.61 2.95
O4 WO4 D . 15.41 -9.98 6.15
S SO4 E . 28.93 -9.44 0.98
O1 SO4 E . 28.97 -8.91 2.34
O2 SO4 E . 28.28 -8.49 0.07
O3 SO4 E . 30.29 -9.66 0.50
O4 SO4 E . 28.21 -10.71 0.99
S SO4 F . 16.94 -11.87 3.17
O1 SO4 F . 17.46 -11.80 4.53
O2 SO4 F . 16.58 -13.25 2.87
O3 SO4 F . 15.75 -11.04 3.08
O4 SO4 F . 17.95 -11.42 2.21
S SO4 G . 11.33 -4.93 12.93
O1 SO4 G . 11.65 -3.76 12.11
O2 SO4 G . 12.38 -5.94 12.80
O3 SO4 G . 11.28 -4.51 14.32
O4 SO4 G . 10.03 -5.49 12.51
C1 GOL H . 15.10 10.40 -17.02
O1 GOL H . 15.55 9.06 -17.02
C2 GOL H . 15.58 11.14 -15.77
O2 GOL H . 16.58 10.39 -15.12
C3 GOL H . 16.13 12.52 -16.15
O3 GOL H . 16.72 13.11 -15.00
C1 GOL I . 6.36 8.92 4.69
O1 GOL I . 7.48 9.70 4.37
C2 GOL I . 6.42 8.60 6.17
O2 GOL I . 7.78 8.70 6.51
C3 GOL I . 5.88 7.20 6.48
O3 GOL I . 5.88 6.97 7.87
C1 GOL J . 2.13 -13.01 11.03
O1 GOL J . 1.38 -13.24 9.86
C2 GOL J . 1.43 -11.88 11.75
O2 GOL J . 0.28 -11.61 10.99
C3 GOL J . 2.31 -10.64 11.80
O3 GOL J . 1.63 -9.52 11.26
C1 GOL K . 28.97 -3.84 -6.00
O1 GOL K . 28.67 -4.82 -6.98
C2 GOL K . 27.75 -2.98 -5.60
O2 GOL K . 27.96 -1.62 -5.95
C3 GOL K . 27.55 -3.04 -4.10
O3 GOL K . 28.78 -3.29 -3.45
C1 GOL L . 24.53 5.35 -19.08
O1 GOL L . 24.60 5.17 -17.69
C2 GOL L . 23.08 5.21 -19.56
O2 GOL L . 22.22 6.15 -18.93
C3 GOL L . 22.61 3.80 -19.27
O3 GOL L . 21.24 3.76 -19.61
C1 GOL M . 8.63 -13.05 9.81
O1 GOL M . 8.55 -13.52 8.47
C2 GOL M . 8.92 -11.54 9.89
O2 GOL M . 8.96 -10.95 8.61
C3 GOL M . 10.21 -11.22 10.66
O3 GOL M . 10.33 -9.83 10.91
C1 GOL N . 11.62 -6.81 -24.47
O1 GOL N . 10.60 -6.01 -23.88
C2 GOL N . 12.26 -7.73 -23.43
O2 GOL N . 11.48 -7.77 -22.24
C3 GOL N . 13.64 -7.20 -23.10
O3 GOL N . 14.45 -7.25 -24.26
MN MN O . -17.93 -8.88 5.02
W WO4 P . -14.15 -9.74 4.92
O1 WO4 P . -13.45 -9.51 6.82
O2 WO4 P . -13.25 -8.45 3.64
O3 WO4 P . -16.18 -9.61 4.88
O4 WO4 P . -13.74 -11.62 4.23
S SO4 Q . -0.03 -14.70 0.32
O1 SO4 Q . -0.68 -15.65 1.21
O2 SO4 Q . -0.77 -14.52 -0.93
O3 SO4 Q . 0.12 -13.44 1.03
O4 SO4 Q . 1.30 -15.19 -0.07
S SO4 R . -26.55 -9.47 10.26
O1 SO4 R . -26.19 -10.72 10.92
O2 SO4 R . -27.58 -8.75 11.01
O3 SO4 R . -25.36 -8.62 10.15
O4 SO4 R . -27.04 -9.76 8.92
S SO4 S . -23.58 16.37 10.42
O1 SO4 S . -24.61 15.36 10.30
O2 SO4 S . -24.15 17.60 10.98
O3 SO4 S . -22.52 15.89 11.32
O4 SO4 S . -23.02 16.66 9.09
S SO4 T . -11.20 -11.40 -5.71
O1 SO4 T . -10.16 -10.36 -5.63
O2 SO4 T . -11.28 -11.86 -7.09
O3 SO4 T . -10.84 -12.51 -4.83
O4 SO4 T . -12.51 -10.85 -5.33
S SO4 U . -14.81 -11.17 8.13
O1 SO4 U . -15.08 -12.36 7.30
O2 SO4 U . -13.95 -11.57 9.24
O3 SO4 U . -14.15 -10.16 7.32
O4 SO4 U . -16.06 -10.61 8.64
C1 GOL V . -11.38 0.66 -11.66
O1 GOL V . -10.30 -0.24 -11.50
C2 GOL V . -10.79 2.01 -11.90
O2 GOL V . -9.66 2.08 -11.09
C3 GOL V . -11.69 3.04 -11.31
O3 GOL V . -10.82 3.81 -10.53
C1 GOL W . -9.91 14.32 19.94
O1 GOL W . -8.63 13.76 19.71
C2 GOL W . -10.85 13.33 20.62
O2 GOL W . -10.65 12.02 20.12
C3 GOL W . -12.30 13.72 20.39
O3 GOL W . -12.96 13.94 21.62
#